data_3LKJ
#
_entry.id   3LKJ
#
_cell.length_a   63.303
_cell.length_b   67.607
_cell.length_c   108.534
_cell.angle_alpha   90.00
_cell.angle_beta   90.00
_cell.angle_gamma   90.00
#
_symmetry.space_group_name_H-M   'P 21 21 21'
#
loop_
_entity.id
_entity.type
_entity.pdbx_description
1 polymer 'CD40 ligand'
2 non-polymer 2-acetamido-2-deoxy-beta-D-glucopyranose
3 non-polymer "(2R)-{[(2'-[(biphenyl-3-ylmethyl)carbamoyl]-6'-{[(2R)-2-(pyrrolidin-1-ylmethyl)pyrrolidin-1-yl]carbonyl}-6-{[(2R)-2-(1H-pyrrol-1-ylmethyl)pyrrolidin-1-yl]carbonyl}-4,4'-bipyridin-2-yl)carbonyl]amino}(cyclohexyl)ethanoic acid"
4 water water
#
_entity_poly.entity_id   1
_entity_poly.type   'polypeptide(L)'
_entity_poly.pdbx_seq_one_letter_code
;QIAAHVISEASSKTTSVLQWAEKGYYTMSNNLVTLENGKQLTVKRQGLYYIYAQVTFCSNREASSQAPFIASLCLKSPGR
FERILLRAANTHSSAKPCGQQSIHLGGVFELQPGASVFVNVTDPSQVSHGTGFTSFGLLKL
;
_entity_poly.pdbx_strand_id   A,B,C
#
# COMPACT_ATOMS: atom_id res chain seq x y z
N GLN A 1 9.55 -4.81 17.92
CA GLN A 1 8.98 -4.44 16.57
C GLN A 1 9.71 -3.25 15.98
N ILE A 2 10.23 -3.42 14.77
CA ILE A 2 11.14 -2.45 14.23
C ILE A 2 10.52 -1.74 13.04
N ALA A 3 10.26 -0.44 13.25
CA ALA A 3 9.53 0.34 12.29
C ALA A 3 9.86 1.84 12.36
N ALA A 4 9.71 2.48 11.20
CA ALA A 4 9.98 3.86 11.04
C ALA A 4 8.92 4.50 10.14
N HIS A 5 8.58 5.74 10.48
CA HIS A 5 7.78 6.61 9.63
C HIS A 5 8.31 8.02 9.84
N VAL A 6 8.80 8.65 8.77
CA VAL A 6 9.36 9.99 8.83
C VAL A 6 8.61 10.93 7.87
N ILE A 7 8.80 12.24 8.11
CA ILE A 7 8.04 13.32 7.47
C ILE A 7 8.97 14.12 6.53
N SER A 8 8.47 14.62 5.41
CA SER A 8 9.34 15.33 4.47
C SER A 8 9.74 16.70 5.00
N GLU A 9 10.93 17.14 4.60
CA GLU A 9 11.35 18.48 4.86
C GLU A 9 11.90 19.06 3.57
N ALA A 10 11.88 20.38 3.42
CA ALA A 10 12.37 20.98 2.19
C ALA A 10 13.89 20.79 2.02
N SER A 11 14.31 20.69 0.78
CA SER A 11 15.71 20.51 0.53
C SER A 11 16.11 21.25 -0.73
N SER A 12 17.40 21.51 -0.83
CA SER A 12 18.01 22.22 -1.93
C SER A 12 17.86 21.49 -3.26
N LYS A 13 17.77 22.23 -4.36
CA LYS A 13 17.78 21.61 -5.68
C LYS A 13 19.19 21.16 -6.05
N THR A 14 20.08 21.20 -5.06
CA THR A 14 21.50 20.88 -5.17
C THR A 14 21.79 19.40 -5.01
N THR A 15 21.01 18.73 -4.15
CA THR A 15 21.03 17.27 -4.04
C THR A 15 19.81 16.74 -4.75
N SER A 16 19.88 15.47 -5.12
CA SER A 16 18.71 14.79 -5.62
C SER A 16 18.10 14.02 -4.47
N VAL A 17 18.86 13.88 -3.37
CA VAL A 17 18.35 13.07 -2.26
C VAL A 17 17.39 13.81 -1.32
N LEU A 18 16.24 13.20 -1.03
CA LEU A 18 15.20 13.89 -0.27
C LEU A 18 15.54 13.93 1.19
N GLN A 19 14.93 14.90 1.90
CA GLN A 19 15.18 15.15 3.32
C GLN A 19 14.00 14.75 4.17
N TRP A 20 14.28 14.28 5.38
CA TRP A 20 13.20 13.73 6.20
C TRP A 20 13.37 14.22 7.64
N ALA A 21 12.28 14.31 8.40
CA ALA A 21 12.41 14.62 9.83
C ALA A 21 11.61 13.70 10.72
N GLU A 22 12.15 13.47 11.92
CA GLU A 22 11.40 12.98 13.06
C GLU A 22 10.65 14.14 13.74
N LYS A 23 9.61 14.63 13.08
CA LYS A 23 8.81 15.75 13.57
C LYS A 23 7.36 15.40 13.29
N GLY A 24 6.46 16.07 14.00
CA GLY A 24 5.03 15.84 13.81
C GLY A 24 4.75 14.45 14.32
N TYR A 25 4.08 13.65 13.49
CA TYR A 25 3.61 12.34 13.95
C TYR A 25 4.37 11.22 13.29
N TYR A 26 5.55 10.98 13.82
CA TYR A 26 6.52 10.13 13.19
C TYR A 26 6.73 8.93 14.08
N THR A 27 7.52 7.99 13.59
CA THR A 27 7.76 6.73 14.26
C THR A 27 9.20 6.40 14.07
N MET A 28 9.79 5.98 15.18
CA MET A 28 11.15 5.49 15.23
C MET A 28 11.00 4.60 16.44
N SER A 29 10.70 3.33 16.21
CA SER A 29 10.18 2.47 17.25
C SER A 29 11.27 2.16 18.30
N ASN A 30 12.53 2.16 17.90
CA ASN A 30 13.61 1.87 18.84
C ASN A 30 14.98 2.12 18.22
N ASN A 31 16.02 1.93 19.03
CA ASN A 31 17.41 2.20 18.60
C ASN A 31 17.90 1.39 17.43
N LEU A 32 17.19 0.33 17.04
CA LEU A 32 17.60 -0.51 15.91
C LEU A 32 17.26 0.08 14.52
N VAL A 33 16.51 1.18 14.48
CA VAL A 33 16.35 2.00 13.26
C VAL A 33 16.68 3.40 13.65
N THR A 34 17.35 4.11 12.76
CA THR A 34 17.47 5.57 12.89
C THR A 34 17.35 6.31 11.54
N LEU A 35 17.14 7.61 11.65
CA LEU A 35 17.20 8.55 10.56
C LEU A 35 18.56 9.17 10.59
N GLU A 36 19.41 8.82 9.64
CA GLU A 36 20.75 9.40 9.63
C GLU A 36 20.87 10.60 8.66
N ASN A 37 21.30 11.75 9.22
CA ASN A 37 21.66 12.94 8.46
C ASN A 37 20.49 13.50 7.67
N GLY A 38 19.31 13.47 8.29
CA GLY A 38 18.04 13.85 7.68
C GLY A 38 17.60 13.08 6.43
N LYS A 39 18.37 12.05 6.06
CA LYS A 39 18.34 11.52 4.68
C LYS A 39 18.08 10.01 4.52
N GLN A 40 18.66 9.19 5.38
CA GLN A 40 18.58 7.75 5.21
C GLN A 40 18.05 7.02 6.42
N LEU A 41 17.30 5.97 6.16
CA LEU A 41 16.77 5.15 7.18
C LEU A 41 17.70 3.96 7.26
N THR A 42 18.25 3.71 8.46
CA THR A 42 19.41 2.84 8.66
C THR A 42 18.99 1.85 9.71
N VAL A 43 19.23 0.56 9.44
CA VAL A 43 18.82 -0.52 10.32
C VAL A 43 20.06 -1.23 10.92
N LYS A 44 19.98 -1.58 12.20
CA LYS A 44 21.13 -2.19 12.89
C LYS A 44 21.16 -3.71 12.77
N ARG A 45 19.99 -4.26 12.42
CA ARG A 45 19.69 -5.67 12.43
C ARG A 45 19.29 -6.15 11.03
N GLN A 46 19.78 -7.32 10.69
CA GLN A 46 19.51 -7.80 9.38
C GLN A 46 18.15 -8.47 9.25
N GLY A 47 17.66 -8.51 8.01
CA GLY A 47 16.40 -9.17 7.76
C GLY A 47 15.52 -8.60 6.69
N LEU A 48 14.25 -8.95 6.81
CA LEU A 48 13.26 -8.74 5.79
C LEU A 48 12.41 -7.53 6.14
N TYR A 49 12.54 -6.47 5.36
CA TYR A 49 11.79 -5.25 5.62
C TYR A 49 10.87 -4.95 4.47
N TYR A 50 9.68 -4.46 4.80
CA TYR A 50 8.80 -3.79 3.87
C TYR A 50 9.16 -2.29 3.95
N ILE A 51 9.55 -1.72 2.80
CA ILE A 51 9.92 -0.33 2.67
C ILE A 51 8.95 0.39 1.72
N TYR A 52 8.37 1.51 2.17
CA TYR A 52 7.43 2.28 1.38
C TYR A 52 7.87 3.75 1.41
N ALA A 53 7.49 4.50 0.38
CA ALA A 53 7.57 5.95 0.38
C ALA A 53 6.44 6.51 -0.51
N GLN A 54 5.96 7.70 -0.17
CA GLN A 54 5.04 8.34 -1.03
C GLN A 54 5.57 9.74 -1.24
N VAL A 55 5.77 10.14 -2.52
CA VAL A 55 6.19 11.52 -2.82
C VAL A 55 5.18 12.28 -3.67
N THR A 56 4.83 13.47 -3.18
CA THR A 56 3.96 14.31 -3.94
C THR A 56 4.72 15.46 -4.59
N PHE A 57 4.42 15.69 -5.88
CA PHE A 57 5.13 16.69 -6.64
C PHE A 57 4.18 17.46 -7.52
N CYS A 58 4.69 18.49 -8.18
CA CYS A 58 3.95 19.17 -9.27
C CYS A 58 4.25 18.56 -10.64
N ALA A 63 9.55 23.39 -17.18
CA ALA A 63 10.88 22.80 -17.28
C ALA A 63 11.44 23.06 -18.68
N SER A 64 12.71 22.72 -18.92
CA SER A 64 13.29 22.85 -20.29
C SER A 64 12.83 21.79 -21.34
N SER A 65 12.27 20.68 -20.85
CA SER A 65 11.56 19.70 -21.68
C SER A 65 10.37 19.14 -20.87
N GLN A 66 9.82 18.02 -21.35
CA GLN A 66 8.73 17.35 -20.64
C GLN A 66 9.17 15.96 -20.26
N ALA A 67 10.43 15.91 -19.86
CA ALA A 67 11.06 14.77 -19.19
C ALA A 67 10.27 14.39 -17.94
N PRO A 68 10.03 13.09 -17.74
CA PRO A 68 9.23 12.72 -16.57
C PRO A 68 9.83 13.14 -15.21
N PHE A 69 8.98 13.26 -14.20
CA PHE A 69 9.45 13.29 -12.83
C PHE A 69 9.70 11.82 -12.37
N ILE A 70 10.87 11.58 -11.77
CA ILE A 70 11.24 10.24 -11.39
C ILE A 70 11.74 10.21 -9.94
N ALA A 71 11.20 9.25 -9.17
CA ALA A 71 11.59 8.99 -7.78
C ALA A 71 12.19 7.62 -7.71
N SER A 72 13.32 7.51 -7.02
CA SER A 72 14.05 6.26 -6.90
C SER A 72 14.27 5.93 -5.43
N LEU A 73 13.98 4.69 -5.07
CA LEU A 73 14.35 4.15 -3.76
C LEU A 73 15.75 3.54 -3.87
N CYS A 74 16.69 4.06 -3.08
CA CYS A 74 18.05 3.58 -3.16
C CYS A 74 18.53 2.85 -1.92
N LEU A 75 19.44 1.91 -2.14
CA LEU A 75 20.06 1.11 -1.10
C LEU A 75 21.57 1.34 -1.05
N LYS A 76 22.07 1.66 0.13
CA LYS A 76 23.51 1.79 0.36
C LYS A 76 23.78 0.74 1.39
N SER A 77 24.76 -0.12 1.15
CA SER A 77 24.96 -1.23 2.03
C SER A 77 26.44 -1.37 2.39
N PRO A 78 26.77 -1.58 3.67
CA PRO A 78 28.21 -1.56 4.08
C PRO A 78 29.17 -2.33 3.15
N GLY A 79 30.18 -1.61 2.66
CA GLY A 79 31.15 -2.15 1.70
C GLY A 79 30.56 -2.47 0.31
N ARG A 80 29.46 -1.81 -0.03
CA ARG A 80 28.81 -2.03 -1.31
C ARG A 80 28.65 -0.67 -1.94
N PHE A 81 28.53 -0.62 -3.26
CA PHE A 81 28.16 0.63 -3.89
C PHE A 81 26.66 0.70 -3.77
N GLU A 82 26.16 1.92 -3.82
CA GLU A 82 24.73 2.17 -3.81
C GLU A 82 24.09 1.50 -5.02
N ARG A 83 22.83 1.11 -4.86
CA ARG A 83 22.05 0.61 -5.97
C ARG A 83 20.58 1.06 -5.86
N ILE A 84 19.90 1.02 -6.99
CA ILE A 84 18.52 1.42 -7.08
C ILE A 84 17.64 0.19 -6.84
N LEU A 85 16.62 0.33 -6.02
CA LEU A 85 15.70 -0.76 -5.81
C LEU A 85 14.43 -0.60 -6.63
N LEU A 86 13.90 0.62 -6.67
CA LEU A 86 12.66 0.90 -7.38
C LEU A 86 12.71 2.28 -7.99
N ARG A 87 12.09 2.39 -9.16
CA ARG A 87 11.88 3.68 -9.79
C ARG A 87 10.42 3.79 -10.09
N ALA A 88 9.88 4.97 -9.83
CA ALA A 88 8.59 5.40 -10.36
C ALA A 88 8.88 6.68 -11.19
N ALA A 89 8.29 6.75 -12.38
CA ALA A 89 8.51 7.82 -13.32
C ALA A 89 7.16 8.25 -13.84
N ASN A 90 6.93 9.57 -13.80
CA ASN A 90 5.65 10.18 -14.13
C ASN A 90 5.71 11.25 -15.26
N THR A 91 4.78 11.16 -16.22
CA THR A 91 4.77 12.00 -17.44
C THR A 91 4.50 13.47 -17.15
N LYS A 96 -3.01 22.26 -14.66
CA LYS A 96 -1.85 22.99 -14.17
C LYS A 96 -2.03 24.48 -14.44
N PRO A 97 -1.34 25.36 -13.67
CA PRO A 97 -0.41 24.98 -12.59
C PRO A 97 -1.11 24.83 -11.24
N CYS A 98 -0.58 23.98 -10.36
CA CYS A 98 0.54 23.10 -10.62
C CYS A 98 -0.14 21.75 -10.63
N GLY A 99 0.44 20.73 -11.28
CA GLY A 99 -0.30 19.46 -11.37
C GLY A 99 -0.05 18.46 -10.23
N GLN A 100 -0.53 18.74 -9.01
CA GLN A 100 -0.21 17.91 -7.83
C GLN A 100 -0.49 16.42 -8.03
N GLN A 101 0.57 15.62 -7.94
CA GLN A 101 0.50 14.17 -8.02
C GLN A 101 1.35 13.46 -6.96
N SER A 102 0.82 12.34 -6.48
CA SER A 102 1.53 11.51 -5.55
C SER A 102 1.95 10.30 -6.33
N ILE A 103 3.16 9.83 -6.05
CA ILE A 103 3.66 8.62 -6.64
C ILE A 103 4.09 7.76 -5.42
N HIS A 104 4.00 6.43 -5.56
CA HIS A 104 4.44 5.48 -4.54
C HIS A 104 5.51 4.50 -5.05
N LEU A 105 6.43 4.20 -4.14
CA LEU A 105 7.44 3.20 -4.28
C LEU A 105 7.33 2.36 -3.02
N GLY A 106 7.50 1.05 -3.15
CA GLY A 106 7.49 0.16 -2.02
C GLY A 106 7.76 -1.29 -2.40
N GLY A 107 8.25 -2.05 -1.42
CA GLY A 107 8.37 -3.48 -1.55
C GLY A 107 9.18 -4.05 -0.40
N VAL A 108 9.57 -5.32 -0.57
CA VAL A 108 10.17 -6.06 0.51
C VAL A 108 11.56 -6.46 0.07
N PHE A 109 12.52 -6.40 0.96
CA PHE A 109 13.91 -6.51 0.60
C PHE A 109 14.61 -7.03 1.82
N GLU A 110 15.74 -7.71 1.60
CA GLU A 110 16.52 -8.29 2.63
C GLU A 110 17.66 -7.34 2.82
N LEU A 111 17.73 -6.77 4.01
CA LEU A 111 18.68 -5.77 4.35
C LEU A 111 19.72 -6.34 5.32
N GLN A 112 20.97 -6.05 5.00
CA GLN A 112 22.14 -6.41 5.76
C GLN A 112 22.37 -5.43 6.97
N PRO A 113 23.07 -5.87 8.05
CA PRO A 113 23.32 -4.96 9.19
C PRO A 113 23.97 -3.64 8.80
N GLY A 114 23.41 -2.54 9.27
CA GLY A 114 23.87 -1.19 8.82
C GLY A 114 23.47 -0.72 7.41
N ALA A 115 22.64 -1.49 6.68
CA ALA A 115 22.10 -1.06 5.38
C ALA A 115 21.32 0.22 5.57
N SER A 116 21.32 1.08 4.54
CA SER A 116 20.61 2.37 4.57
C SER A 116 19.73 2.48 3.33
N VAL A 117 18.55 3.05 3.47
CA VAL A 117 17.75 3.29 2.31
C VAL A 117 17.44 4.77 2.22
N PHE A 118 17.35 5.24 0.99
CA PHE A 118 16.99 6.62 0.75
C PHE A 118 16.15 6.82 -0.53
N VAL A 119 15.66 8.03 -0.71
CA VAL A 119 14.83 8.34 -1.86
C VAL A 119 15.46 9.48 -2.71
N ASN A 120 15.74 9.19 -3.97
CA ASN A 120 16.20 10.16 -5.00
C ASN A 120 15.04 10.71 -5.83
N VAL A 121 15.14 11.98 -6.28
CA VAL A 121 14.16 12.51 -7.25
C VAL A 121 14.81 13.30 -8.35
N THR A 122 14.00 13.68 -9.35
CA THR A 122 14.44 14.60 -10.40
C THR A 122 14.48 16.07 -9.95
N ASP A 123 13.40 16.54 -9.34
CA ASP A 123 13.32 17.97 -9.03
C ASP A 123 12.78 18.21 -7.66
N PRO A 124 13.67 18.16 -6.66
CA PRO A 124 13.34 18.36 -5.25
C PRO A 124 12.59 19.66 -5.01
N SER A 125 12.81 20.66 -5.87
CA SER A 125 12.10 21.93 -5.82
C SER A 125 10.60 21.76 -6.00
N GLN A 126 10.19 20.78 -6.83
CA GLN A 126 8.76 20.52 -7.14
C GLN A 126 8.05 19.62 -6.14
N VAL A 127 8.78 19.00 -5.20
CA VAL A 127 8.08 18.11 -4.25
C VAL A 127 7.33 18.86 -3.20
N SER A 128 6.11 18.39 -2.93
CA SER A 128 5.24 18.98 -1.92
C SER A 128 5.59 18.59 -0.48
N HIS A 129 5.60 19.57 0.41
CA HIS A 129 5.97 19.32 1.81
C HIS A 129 4.84 19.64 2.76
N GLY A 130 3.73 20.11 2.23
CA GLY A 130 2.53 20.22 3.06
C GLY A 130 2.24 18.93 3.82
N THR A 131 1.94 19.09 5.10
CA THR A 131 1.59 18.01 6.02
C THR A 131 1.00 16.75 5.37
N GLY A 132 1.64 15.61 5.64
CA GLY A 132 1.22 14.32 5.14
C GLY A 132 1.36 13.95 3.67
N PHE A 133 1.81 14.84 2.78
CA PHE A 133 1.94 14.55 1.32
C PHE A 133 3.14 13.71 0.87
N THR A 134 4.22 13.79 1.61
CA THR A 134 5.42 13.07 1.25
C THR A 134 5.93 12.37 2.49
N SER A 135 6.20 11.07 2.40
CA SER A 135 6.52 10.30 3.59
C SER A 135 7.38 9.09 3.26
N PHE A 136 8.00 8.47 4.28
CA PHE A 136 9.06 7.45 4.10
C PHE A 136 9.03 6.60 5.35
N GLY A 137 9.08 5.29 5.19
CA GLY A 137 9.05 4.44 6.35
C GLY A 137 9.42 3.03 6.04
N LEU A 138 9.55 2.23 7.10
CA LEU A 138 9.79 0.83 6.95
C LEU A 138 9.23 0.00 8.11
N LEU A 139 9.25 -1.31 7.92
CA LEU A 139 8.66 -2.23 8.84
C LEU A 139 9.39 -3.54 8.67
N LYS A 140 10.08 -4.02 9.71
CA LYS A 140 10.70 -5.34 9.66
C LYS A 140 9.60 -6.35 9.64
N LEU A 141 9.72 -7.38 8.80
CA LEU A 141 8.77 -8.50 8.78
C LEU A 141 9.29 -9.74 9.53
N GLN B 1 -5.21 -11.03 18.40
CA GLN B 1 -4.57 -10.13 17.39
C GLN B 1 -5.61 -9.12 16.95
N ILE B 2 -5.23 -7.84 16.91
CA ILE B 2 -6.19 -6.74 16.74
C ILE B 2 -6.10 -6.18 15.32
N ALA B 3 -7.23 -6.15 14.62
CA ALA B 3 -7.25 -5.89 13.18
C ALA B 3 -8.65 -5.51 12.73
N ALA B 4 -8.72 -4.68 11.69
CA ALA B 4 -9.99 -4.21 11.19
C ALA B 4 -9.86 -4.05 9.72
N HIS B 5 -10.91 -4.45 9.02
CA HIS B 5 -11.03 -4.18 7.60
C HIS B 5 -12.46 -3.83 7.33
N VAL B 6 -12.67 -2.68 6.75
CA VAL B 6 -14.03 -2.21 6.62
C VAL B 6 -14.32 -1.76 5.21
N ILE B 7 -15.58 -1.89 4.85
CA ILE B 7 -16.02 -1.73 3.48
C ILE B 7 -16.74 -0.40 3.27
N SER B 8 -16.48 0.22 2.13
CA SER B 8 -17.14 1.42 1.64
C SER B 8 -18.66 1.33 1.79
N GLU B 9 -19.31 2.44 2.17
CA GLU B 9 -20.77 2.45 2.31
C GLU B 9 -21.48 3.42 1.34
N ALA B 10 -22.47 2.90 0.62
CA ALA B 10 -23.43 3.75 -0.15
C ALA B 10 -23.96 5.04 0.60
N SER B 11 -23.38 6.22 0.31
CA SER B 11 -23.75 7.48 1.00
C SER B 11 -24.85 8.25 0.24
N THR B 15 -20.52 15.71 2.57
CA THR B 15 -20.01 14.68 3.48
C THR B 15 -18.69 14.17 2.90
N SER B 16 -17.65 14.95 3.22
CA SER B 16 -16.31 14.76 2.77
C SER B 16 -15.64 13.62 3.50
N VAL B 17 -16.20 13.21 4.63
CA VAL B 17 -15.68 12.04 5.36
C VAL B 17 -16.46 10.76 5.01
N LEU B 18 -15.69 9.79 4.56
CA LEU B 18 -16.22 8.55 4.05
C LEU B 18 -16.85 7.65 5.11
N GLN B 19 -17.89 6.96 4.70
CA GLN B 19 -18.59 6.06 5.58
C GLN B 19 -18.15 4.64 5.27
N TRP B 20 -18.29 3.80 6.27
CA TRP B 20 -17.86 2.45 6.16
C TRP B 20 -18.90 1.54 6.79
N ALA B 21 -18.97 0.28 6.33
CA ALA B 21 -20.00 -0.67 6.75
C ALA B 21 -19.39 -1.91 7.41
N GLU B 22 -20.07 -2.44 8.41
CA GLU B 22 -19.66 -3.75 8.92
C GLU B 22 -20.54 -4.84 8.35
N LYS B 23 -20.21 -5.19 7.12
CA LYS B 23 -21.06 -6.05 6.29
C LYS B 23 -20.20 -6.65 5.21
N GLY B 24 -20.50 -7.87 4.78
CA GLY B 24 -19.66 -8.56 3.78
C GLY B 24 -18.42 -9.14 4.46
N TYR B 25 -17.28 -9.15 3.74
CA TYR B 25 -16.05 -9.79 4.21
C TYR B 25 -15.22 -8.74 4.90
N TYR B 26 -15.80 -8.24 5.98
CA TYR B 26 -15.20 -7.25 6.80
C TYR B 26 -14.64 -7.99 7.96
N THR B 27 -13.82 -7.34 8.75
CA THR B 27 -13.27 -7.99 9.89
C THR B 27 -13.15 -6.95 10.98
N MET B 28 -13.51 -7.32 12.20
CA MET B 28 -13.32 -6.46 13.37
C MET B 28 -12.85 -7.40 14.46
N SER B 29 -11.56 -7.71 14.43
CA SER B 29 -10.98 -8.79 15.22
C SER B 29 -11.68 -8.95 16.56
N ASN B 30 -11.78 -7.83 17.29
CA ASN B 30 -12.36 -7.83 18.63
C ASN B 30 -12.86 -6.47 19.06
N ASN B 31 -13.34 -6.42 20.30
CA ASN B 31 -13.79 -5.19 20.93
C ASN B 31 -12.64 -4.22 21.22
N LEU B 32 -11.42 -4.54 20.81
CA LEU B 32 -10.34 -3.60 21.02
C LEU B 32 -10.16 -2.65 19.83
N VAL B 33 -10.99 -2.85 18.81
CA VAL B 33 -11.14 -1.96 17.67
C VAL B 33 -12.64 -1.90 17.44
N THR B 34 -13.16 -0.75 17.03
CA THR B 34 -14.58 -0.61 16.68
C THR B 34 -14.73 0.48 15.62
N LEU B 35 -15.83 0.45 14.89
CA LEU B 35 -16.19 1.51 13.95
C LEU B 35 -17.23 2.47 14.61
N GLU B 36 -16.86 3.71 14.89
CA GLU B 36 -17.80 4.70 15.49
C GLU B 36 -18.47 5.52 14.39
N ASN B 37 -19.80 5.69 14.53
CA ASN B 37 -20.62 6.48 13.60
C ASN B 37 -20.48 6.08 12.13
N GLY B 38 -20.05 4.84 11.88
CA GLY B 38 -19.77 4.37 10.52
C GLY B 38 -18.69 5.18 9.81
N LYS B 39 -17.82 5.85 10.57
CA LYS B 39 -16.84 6.76 10.01
C LYS B 39 -15.41 6.64 10.56
N GLN B 40 -15.24 6.18 11.79
CA GLN B 40 -13.95 6.27 12.49
C GLN B 40 -13.52 4.96 13.12
N LEU B 41 -12.31 4.52 12.81
CA LEU B 41 -11.84 3.32 13.44
C LEU B 41 -11.13 3.78 14.70
N THR B 42 -11.64 3.32 15.84
CA THR B 42 -11.18 3.73 17.14
C THR B 42 -10.58 2.51 17.78
N VAL B 43 -9.30 2.59 18.13
CA VAL B 43 -8.60 1.51 18.85
C VAL B 43 -8.71 1.72 20.35
N LYS B 44 -8.54 0.64 21.09
CA LYS B 44 -8.74 0.71 22.52
C LYS B 44 -7.41 0.67 23.28
N ARG B 45 -6.42 -0.04 22.71
CA ARG B 45 -5.08 -0.13 23.30
C ARG B 45 -4.04 0.70 22.56
N GLN B 46 -3.04 1.14 23.32
CA GLN B 46 -1.93 1.87 22.79
C GLN B 46 -1.03 0.92 22.04
N GLY B 47 -0.45 1.40 20.96
CA GLY B 47 0.55 0.61 20.32
C GLY B 47 0.84 1.05 18.92
N LEU B 48 1.33 0.10 18.15
CA LEU B 48 1.89 0.41 16.88
C LEU B 48 0.96 -0.17 15.84
N TYR B 49 0.50 0.70 14.95
CA TYR B 49 -0.45 0.26 13.96
C TYR B 49 -0.01 0.52 12.54
N TYR B 50 -0.10 -0.51 11.71
CA TYR B 50 -0.12 -0.25 10.30
C TYR B 50 -1.52 0.22 9.99
N ILE B 51 -1.67 1.39 9.44
CA ILE B 51 -3.01 1.70 9.02
C ILE B 51 -3.12 1.92 7.51
N TYR B 52 -4.19 1.42 6.90
CA TYR B 52 -4.25 1.50 5.44
C TYR B 52 -5.61 1.93 4.94
N ALA B 53 -5.64 2.43 3.71
CA ALA B 53 -6.88 2.80 3.04
C ALA B 53 -6.76 2.76 1.49
N GLN B 54 -7.80 2.24 0.85
CA GLN B 54 -7.85 2.36 -0.58
C GLN B 54 -9.10 3.11 -1.04
N VAL B 55 -8.89 4.16 -1.81
CA VAL B 55 -9.97 4.91 -2.36
C VAL B 55 -9.98 4.84 -3.90
N THR B 56 -11.09 4.37 -4.44
CA THR B 56 -11.21 4.49 -5.90
C THR B 56 -12.28 5.51 -6.33
N PHE B 57 -12.05 6.15 -7.45
CA PHE B 57 -12.87 7.28 -7.83
C PHE B 57 -12.84 7.47 -9.33
N CYS B 58 -13.88 8.08 -9.85
CA CYS B 58 -13.85 8.53 -11.23
C CYS B 58 -12.95 9.74 -11.26
N SER B 59 -11.78 9.56 -11.89
CA SER B 59 -10.87 10.65 -12.08
C SER B 59 -11.49 11.67 -13.04
N ASN B 60 -12.80 11.58 -13.22
CA ASN B 60 -13.54 12.54 -14.05
C ASN B 60 -13.68 13.89 -13.36
N ALA B 67 -8.32 21.20 -10.67
CA ALA B 67 -7.98 20.86 -9.29
C ALA B 67 -7.92 19.33 -9.04
N PRO B 68 -6.92 18.87 -8.32
CA PRO B 68 -6.75 17.44 -8.11
C PRO B 68 -7.67 16.84 -7.04
N PHE B 69 -8.00 15.57 -7.22
CA PHE B 69 -8.70 14.81 -6.19
C PHE B 69 -7.69 14.43 -5.08
N ILE B 70 -8.07 14.72 -3.85
CA ILE B 70 -7.18 14.45 -2.72
C ILE B 70 -7.97 13.67 -1.72
N ALA B 71 -7.37 12.57 -1.30
CA ALA B 71 -7.85 11.73 -0.23
C ALA B 71 -6.88 11.87 0.93
N SER B 72 -7.40 12.01 2.15
CA SER B 72 -6.53 12.15 3.33
C SER B 72 -6.82 11.14 4.43
N LEU B 73 -5.79 10.70 5.11
CA LEU B 73 -6.01 9.94 6.36
C LEU B 73 -5.76 10.84 7.55
N CYS B 74 -6.74 10.88 8.45
CA CYS B 74 -6.74 11.79 9.59
C CYS B 74 -6.88 11.09 10.92
N LEU B 75 -6.38 11.76 11.95
CA LEU B 75 -6.34 11.25 13.32
C LEU B 75 -7.01 12.19 14.35
N LYS B 76 -7.87 11.59 15.18
CA LYS B 76 -8.50 12.23 16.32
C LYS B 76 -7.96 11.58 17.57
N SER B 77 -6.88 12.12 18.12
CA SER B 77 -6.43 11.66 19.43
C SER B 77 -7.31 12.29 20.50
N PRO B 78 -7.63 11.54 21.58
CA PRO B 78 -8.51 12.12 22.58
C PRO B 78 -7.72 13.15 23.40
N GLY B 79 -8.32 14.32 23.61
CA GLY B 79 -7.63 15.43 24.26
C GLY B 79 -6.90 16.38 23.31
N ARG B 80 -6.88 16.04 22.02
CA ARG B 80 -6.14 16.82 21.04
C ARG B 80 -6.95 17.03 19.77
N PHE B 81 -6.84 18.23 19.19
CA PHE B 81 -7.47 18.56 17.91
C PHE B 81 -6.92 17.66 16.80
N GLU B 82 -7.75 17.39 15.79
CA GLU B 82 -7.38 16.48 14.71
C GLU B 82 -6.13 16.91 13.91
N ARG B 83 -5.38 15.92 13.41
CA ARG B 83 -4.27 16.18 12.52
C ARG B 83 -4.27 15.27 11.30
N ILE B 84 -3.71 15.77 10.21
CA ILE B 84 -3.59 14.95 9.03
C ILE B 84 -2.44 13.98 9.19
N LEU B 85 -2.64 12.74 8.78
CA LEU B 85 -1.59 11.75 8.83
C LEU B 85 -0.97 11.53 7.45
N LEU B 86 -1.82 11.40 6.45
CA LEU B 86 -1.36 11.08 5.12
C LEU B 86 -2.26 11.71 4.14
N ARG B 87 -1.74 12.10 2.99
CA ARG B 87 -2.59 12.62 1.92
C ARG B 87 -2.06 12.18 0.58
N ALA B 88 -2.95 11.97 -0.37
CA ALA B 88 -2.59 11.54 -1.71
C ALA B 88 -3.37 12.35 -2.71
N ALA B 89 -2.70 12.75 -3.79
CA ALA B 89 -3.29 13.63 -4.81
C ALA B 89 -3.36 12.92 -6.13
N ASN B 90 -4.44 13.13 -6.86
CA ASN B 90 -4.49 12.66 -8.23
C ASN B 90 -4.92 13.73 -9.20
N THR B 91 -4.08 13.97 -10.21
CA THR B 91 -4.41 14.88 -11.31
C THR B 91 -4.89 14.06 -12.52
N HIS B 92 -6.15 14.34 -12.84
CA HIS B 92 -7.02 13.46 -13.61
C HIS B 92 -7.44 14.09 -14.94
N SER B 93 -6.63 13.97 -15.98
CA SER B 93 -6.95 14.66 -17.27
C SER B 93 -7.49 13.73 -18.40
N SER B 94 -8.81 13.46 -18.44
CA SER B 94 -9.80 13.88 -17.42
C SER B 94 -10.88 12.84 -17.03
N ALA B 95 -10.65 11.53 -17.25
CA ALA B 95 -9.52 10.97 -17.99
C ALA B 95 -10.03 10.01 -19.07
N LYS B 96 -11.35 9.82 -19.10
CA LYS B 96 -12.07 9.08 -20.17
C LYS B 96 -13.59 9.35 -19.99
N PRO B 97 -14.46 8.31 -20.11
CA PRO B 97 -15.87 8.59 -19.71
C PRO B 97 -15.98 8.83 -18.19
N CYS B 98 -15.51 7.87 -17.37
CA CYS B 98 -15.34 8.10 -15.92
C CYS B 98 -13.85 8.09 -15.52
N GLY B 99 -13.15 7.08 -16.00
CA GLY B 99 -11.73 6.94 -15.73
C GLY B 99 -11.45 6.55 -14.28
N GLN B 100 -11.79 5.32 -13.93
CA GLN B 100 -11.60 4.84 -12.57
C GLN B 100 -10.13 4.88 -12.15
N GLN B 101 -9.89 5.30 -10.92
CA GLN B 101 -8.54 5.32 -10.35
C GLN B 101 -8.55 4.91 -8.91
N SER B 102 -7.55 4.14 -8.54
CA SER B 102 -7.41 3.69 -7.17
C SER B 102 -6.25 4.41 -6.58
N ILE B 103 -6.47 4.91 -5.37
CA ILE B 103 -5.50 5.68 -4.62
C ILE B 103 -5.36 4.97 -3.29
N HIS B 104 -4.14 4.68 -2.88
CA HIS B 104 -3.98 3.98 -1.63
C HIS B 104 -3.13 4.74 -0.64
N LEU B 105 -3.49 4.71 0.64
CA LEU B 105 -2.72 5.38 1.70
C LEU B 105 -2.40 4.38 2.80
N GLY B 106 -1.13 4.34 3.21
CA GLY B 106 -0.68 3.44 4.28
C GLY B 106 0.56 3.86 5.03
N GLY B 107 0.59 3.58 6.34
CA GLY B 107 1.72 3.92 7.13
C GLY B 107 1.73 3.26 8.50
N VAL B 108 2.89 3.32 9.17
CA VAL B 108 3.04 2.81 10.54
C VAL B 108 2.90 3.97 11.52
N PHE B 109 1.89 3.92 12.37
CA PHE B 109 1.63 5.03 13.25
C PHE B 109 1.42 4.51 14.63
N GLU B 110 1.87 5.28 15.61
CA GLU B 110 1.74 4.91 17.01
C GLU B 110 0.45 5.51 17.50
N LEU B 111 -0.41 4.72 18.12
CA LEU B 111 -1.70 5.23 18.58
C LEU B 111 -1.98 5.07 20.06
N GLN B 112 -2.71 6.06 20.58
CA GLN B 112 -3.14 6.21 21.97
C GLN B 112 -4.51 5.60 22.22
N PRO B 113 -4.77 5.11 23.45
CA PRO B 113 -6.11 4.63 23.78
C PRO B 113 -7.20 5.61 23.34
N GLY B 114 -8.23 5.11 22.67
CA GLY B 114 -9.32 5.98 22.21
C GLY B 114 -9.07 6.70 20.89
N ALA B 115 -7.86 6.54 20.38
CA ALA B 115 -7.50 7.14 19.11
C ALA B 115 -8.41 6.62 17.99
N SER B 116 -8.85 7.51 17.12
CA SER B 116 -9.60 7.10 15.95
C SER B 116 -9.06 7.73 14.71
N VAL B 117 -9.01 6.95 13.66
CA VAL B 117 -8.61 7.44 12.36
C VAL B 117 -9.80 7.44 11.45
N PHE B 118 -9.75 8.29 10.44
CA PHE B 118 -10.80 8.30 9.40
C PHE B 118 -10.21 8.80 8.10
N VAL B 119 -11.03 8.79 7.04
CA VAL B 119 -10.54 9.10 5.71
C VAL B 119 -11.39 10.19 5.06
N ASN B 120 -10.69 11.24 4.62
CA ASN B 120 -11.24 12.45 3.99
C ASN B 120 -11.01 12.46 2.53
N VAL B 121 -11.86 13.16 1.81
CA VAL B 121 -11.82 13.21 0.37
C VAL B 121 -12.34 14.58 -0.13
N THR B 122 -11.83 15.07 -1.25
CA THR B 122 -12.27 16.38 -1.74
C THR B 122 -13.59 16.38 -2.50
N ASP B 123 -13.92 15.26 -3.16
CA ASP B 123 -15.16 15.15 -3.92
C ASP B 123 -15.83 13.79 -3.63
N PRO B 124 -16.66 13.74 -2.56
CA PRO B 124 -17.34 12.50 -2.19
C PRO B 124 -18.20 11.88 -3.33
N SER B 125 -18.58 12.66 -4.33
CA SER B 125 -19.46 12.16 -5.40
C SER B 125 -18.71 11.33 -6.42
N GLN B 126 -17.41 11.55 -6.50
CA GLN B 126 -16.55 10.81 -7.42
C GLN B 126 -16.08 9.45 -6.88
N VAL B 127 -16.34 9.12 -5.62
CA VAL B 127 -15.81 7.84 -5.14
C VAL B 127 -16.66 6.61 -5.54
N SER B 128 -15.97 5.51 -5.88
CA SER B 128 -16.59 4.28 -6.37
C SER B 128 -16.97 3.39 -5.21
N HIS B 129 -18.21 2.90 -5.18
CA HIS B 129 -18.59 2.06 -4.06
C HIS B 129 -18.77 0.59 -4.44
N GLY B 130 -18.60 0.28 -5.72
CA GLY B 130 -18.67 -1.10 -6.20
C GLY B 130 -17.86 -2.02 -5.32
N THR B 131 -18.31 -3.25 -5.18
CA THR B 131 -17.70 -4.19 -4.29
C THR B 131 -16.18 -4.34 -4.52
N GLY B 132 -15.43 -4.27 -3.41
CA GLY B 132 -13.98 -4.35 -3.39
C GLY B 132 -13.20 -3.06 -3.63
N PHE B 133 -13.80 -2.01 -4.25
CA PHE B 133 -13.00 -0.87 -4.72
C PHE B 133 -12.41 0.02 -3.63
N THR B 134 -13.18 0.23 -2.57
CA THR B 134 -12.87 1.21 -1.52
C THR B 134 -13.02 0.58 -0.11
N SER B 135 -11.95 0.70 0.68
CA SER B 135 -11.84 -0.03 1.94
C SER B 135 -10.84 0.63 2.89
N PHE B 136 -10.94 0.29 4.17
CA PHE B 136 -10.26 0.96 5.25
C PHE B 136 -9.98 -0.11 6.30
N GLY B 137 -8.76 -0.18 6.79
CA GLY B 137 -8.50 -0.94 8.00
C GLY B 137 -7.19 -0.60 8.69
N LEU B 138 -6.89 -1.36 9.72
CA LEU B 138 -5.61 -1.28 10.42
C LEU B 138 -5.27 -2.64 11.02
N LEU B 139 -4.01 -2.83 11.39
CA LEU B 139 -3.68 -3.95 12.22
C LEU B 139 -2.59 -3.59 13.21
N LYS B 140 -2.67 -4.14 14.42
CA LYS B 140 -1.67 -3.88 15.47
C LYS B 140 -0.42 -4.68 15.22
N LEU B 141 0.72 -4.04 15.44
CA LEU B 141 1.99 -4.64 15.07
C LEU B 141 2.67 -5.30 16.28
N GLN C 1 5.19 -20.34 11.64
CA GLN C 1 4.63 -19.17 10.88
C GLN C 1 4.16 -19.57 9.48
N ILE C 2 2.96 -19.11 9.12
CA ILE C 2 2.25 -19.52 7.91
C ILE C 2 2.21 -18.42 6.84
N ALA C 3 2.91 -18.61 5.74
CA ALA C 3 3.06 -17.60 4.70
C ALA C 3 3.43 -18.24 3.39
N ALA C 4 2.86 -17.74 2.32
CA ALA C 4 3.27 -18.11 0.98
C ALA C 4 3.57 -16.81 0.25
N HIS C 5 4.61 -16.83 -0.56
CA HIS C 5 4.84 -15.79 -1.51
C HIS C 5 5.15 -16.39 -2.86
N VAL C 6 4.37 -16.04 -3.84
CA VAL C 6 4.40 -16.73 -5.13
C VAL C 6 4.52 -15.75 -6.29
N ILE C 7 5.14 -16.16 -7.38
CA ILE C 7 5.50 -15.26 -8.51
C ILE C 7 4.82 -15.54 -9.84
N SER C 8 4.57 -14.49 -10.59
CA SER C 8 3.82 -14.55 -11.85
C SER C 8 4.51 -15.34 -12.94
N GLU C 9 3.72 -15.97 -13.78
CA GLU C 9 4.23 -16.68 -14.95
C GLU C 9 3.19 -16.55 -16.06
N ALA C 10 3.62 -16.52 -17.32
CA ALA C 10 2.66 -16.39 -18.44
C ALA C 10 1.67 -17.55 -18.42
N SER C 11 0.38 -17.22 -18.51
CA SER C 11 -0.68 -18.17 -18.17
C SER C 11 -0.93 -19.31 -19.18
N SER C 12 -0.57 -19.09 -20.45
CA SER C 12 -0.75 -20.08 -21.53
C SER C 12 -2.21 -20.24 -22.04
N LYS C 13 -3.16 -20.25 -21.09
CA LYS C 13 -4.59 -20.36 -21.33
C LYS C 13 -5.26 -19.02 -21.69
N THR C 14 -6.58 -18.95 -21.46
CA THR C 14 -7.47 -17.87 -21.94
C THR C 14 -7.84 -16.83 -20.86
N THR C 15 -7.86 -17.27 -19.60
CA THR C 15 -8.69 -16.61 -18.60
C THR C 15 -8.13 -15.27 -18.07
N SER C 16 -8.98 -14.58 -17.31
CA SER C 16 -8.64 -13.38 -16.56
C SER C 16 -7.77 -13.72 -15.33
N VAL C 17 -7.72 -15.01 -14.97
CA VAL C 17 -7.02 -15.51 -13.78
C VAL C 17 -5.54 -15.70 -14.05
N LEU C 18 -4.70 -15.18 -13.16
CA LEU C 18 -3.29 -15.20 -13.34
C LEU C 18 -2.73 -16.51 -12.86
N GLN C 19 -1.62 -16.89 -13.49
CA GLN C 19 -0.97 -18.15 -13.22
C GLN C 19 0.31 -17.80 -12.50
N TRP C 20 0.61 -18.60 -11.48
CA TRP C 20 1.67 -18.35 -10.50
C TRP C 20 2.59 -19.58 -10.35
N ALA C 21 3.81 -19.33 -9.86
CA ALA C 21 4.81 -20.39 -9.74
C ALA C 21 5.52 -20.35 -8.41
N GLU C 22 5.89 -21.52 -7.90
CA GLU C 22 6.54 -21.61 -6.61
C GLU C 22 8.03 -21.23 -6.73
N LYS C 23 8.26 -20.12 -7.44
CA LYS C 23 9.60 -19.60 -7.73
C LYS C 23 10.12 -18.61 -6.66
N GLY C 24 9.46 -18.55 -5.52
CA GLY C 24 9.88 -17.67 -4.43
C GLY C 24 11.25 -17.87 -3.81
N TYR C 25 11.65 -16.91 -3.00
CA TYR C 25 12.94 -16.96 -2.30
C TYR C 25 12.79 -17.56 -0.92
N TYR C 26 11.58 -18.00 -0.60
CA TYR C 26 11.34 -18.80 0.58
C TYR C 26 10.63 -20.13 0.28
N THR C 27 10.93 -21.09 1.13
CA THR C 27 10.36 -22.41 1.05
C THR C 27 9.19 -22.48 2.01
N MET C 28 7.98 -22.56 1.47
CA MET C 28 6.87 -22.88 2.34
C MET C 28 7.03 -24.37 2.72
N SER C 29 7.82 -24.58 3.78
CA SER C 29 8.05 -25.88 4.44
C SER C 29 6.77 -26.53 4.99
N ASN C 30 5.80 -25.68 5.35
CA ASN C 30 4.67 -26.04 6.21
C ASN C 30 3.68 -26.98 5.52
N ASN C 31 3.28 -26.58 4.31
CA ASN C 31 2.11 -27.12 3.60
C ASN C 31 0.76 -26.60 4.09
N LEU C 32 0.78 -25.88 5.21
CA LEU C 32 -0.39 -25.15 5.69
C LEU C 32 -0.95 -24.09 4.70
N VAL C 33 -0.18 -23.76 3.67
CA VAL C 33 -0.66 -23.06 2.47
C VAL C 33 -0.15 -23.81 1.25
N THR C 34 -0.94 -23.93 0.18
CA THR C 34 -0.46 -24.57 -1.06
C THR C 34 -0.86 -23.82 -2.32
N LEU C 35 -0.02 -23.88 -3.35
CA LEU C 35 -0.45 -23.37 -4.66
C LEU C 35 -1.13 -24.51 -5.48
N GLU C 36 -2.45 -24.46 -5.63
CA GLU C 36 -3.18 -25.42 -6.44
C GLU C 36 -3.29 -24.95 -7.87
N ASN C 37 -2.90 -25.82 -8.80
CA ASN C 37 -3.14 -25.62 -10.25
C ASN C 37 -2.51 -24.36 -10.83
N GLY C 38 -1.47 -23.88 -10.15
CA GLY C 38 -0.85 -22.60 -10.47
C GLY C 38 -1.83 -21.44 -10.59
N LYS C 39 -2.90 -21.45 -9.80
CA LYS C 39 -3.96 -20.43 -9.96
C LYS C 39 -4.39 -19.80 -8.63
N GLN C 40 -4.31 -20.56 -7.56
CA GLN C 40 -4.85 -20.15 -6.27
C GLN C 40 -3.99 -20.57 -5.11
N LEU C 41 -4.08 -19.81 -4.02
CA LEU C 41 -3.47 -20.19 -2.76
C LEU C 41 -4.58 -20.72 -1.89
N THR C 42 -4.40 -21.94 -1.42
CA THR C 42 -5.35 -22.60 -0.53
C THR C 42 -4.69 -22.74 0.84
N VAL C 43 -5.39 -22.33 1.88
CA VAL C 43 -4.84 -22.44 3.23
C VAL C 43 -5.47 -23.65 3.91
N LYS C 44 -4.81 -24.21 4.93
CA LYS C 44 -5.41 -25.28 5.74
C LYS C 44 -5.94 -24.83 7.09
N ARG C 45 -5.36 -23.79 7.66
CA ARG C 45 -5.77 -23.32 8.98
C ARG C 45 -6.64 -22.06 8.88
N GLN C 46 -7.72 -22.07 9.66
CA GLN C 46 -8.57 -20.92 9.98
C GLN C 46 -7.70 -19.80 10.53
N GLY C 47 -7.97 -18.56 10.10
CA GLY C 47 -7.23 -17.41 10.60
C GLY C 47 -7.50 -16.05 10.01
N LEU C 48 -6.89 -15.06 10.62
CA LEU C 48 -6.83 -13.72 10.08
C LEU C 48 -5.52 -13.66 9.28
N TYR C 49 -5.67 -13.35 7.99
CA TYR C 49 -4.60 -13.34 7.01
C TYR C 49 -4.47 -11.95 6.43
N TYR C 50 -3.23 -11.48 6.25
CA TYR C 50 -2.96 -10.29 5.48
C TYR C 50 -2.61 -10.84 4.10
N ILE C 51 -3.41 -10.44 3.10
CA ILE C 51 -3.33 -10.94 1.75
C ILE C 51 -2.97 -9.83 0.76
N TYR C 52 -2.02 -10.13 -0.13
CA TYR C 52 -1.50 -9.07 -0.94
C TYR C 52 -1.21 -9.54 -2.33
N ALA C 53 -1.19 -8.57 -3.23
CA ALA C 53 -0.67 -8.77 -4.54
C ALA C 53 -0.05 -7.48 -4.99
N GLN C 54 0.86 -7.63 -5.93
CA GLN C 54 1.29 -6.54 -6.77
C GLN C 54 1.17 -7.02 -8.19
N VAL C 55 0.59 -6.20 -9.04
CA VAL C 55 0.44 -6.50 -10.45
C VAL C 55 1.08 -5.36 -11.25
N THR C 56 2.19 -5.68 -11.93
CA THR C 56 2.86 -4.80 -12.89
C THR C 56 2.43 -5.12 -14.32
N PHE C 57 2.13 -4.08 -15.09
CA PHE C 57 1.57 -4.26 -16.45
C PHE C 57 1.98 -3.09 -17.36
N CYS C 58 1.79 -3.25 -18.68
CA CYS C 58 1.96 -2.14 -19.64
C CYS C 58 0.64 -1.42 -19.94
N SER C 59 0.69 -0.08 -20.03
CA SER C 59 -0.51 0.75 -20.32
C SER C 59 -0.78 0.87 -21.82
N ASN C 60 -1.51 1.92 -22.24
CA ASN C 60 -2.01 2.11 -23.63
C ASN C 60 -3.27 1.26 -23.96
N PRO C 68 -9.86 0.88 -18.76
CA PRO C 68 -9.30 0.87 -17.41
C PRO C 68 -8.74 -0.51 -17.04
N PHE C 69 -7.55 -0.53 -16.46
CA PHE C 69 -6.97 -1.80 -16.09
C PHE C 69 -7.32 -2.11 -14.65
N ILE C 70 -7.77 -3.33 -14.41
CA ILE C 70 -8.27 -3.69 -13.09
C ILE C 70 -7.73 -5.03 -12.61
N ALA C 71 -7.12 -5.00 -11.45
CA ALA C 71 -6.71 -6.24 -10.80
C ALA C 71 -7.68 -6.57 -9.69
N SER C 72 -7.82 -7.86 -9.44
CA SER C 72 -8.81 -8.28 -8.51
C SER C 72 -8.34 -9.43 -7.61
N LEU C 73 -8.49 -9.25 -6.31
CA LEU C 73 -8.25 -10.37 -5.41
C LEU C 73 -9.59 -11.01 -5.02
N CYS C 74 -9.76 -12.30 -5.32
CA CYS C 74 -11.02 -13.03 -5.12
C CYS C 74 -10.87 -14.22 -4.17
N LEU C 75 -12.03 -14.67 -3.66
CA LEU C 75 -12.08 -15.76 -2.71
C LEU C 75 -13.09 -16.80 -3.23
N LYS C 76 -12.75 -18.08 -3.01
CA LYS C 76 -13.41 -19.21 -3.64
C LYS C 76 -13.39 -20.31 -2.60
N SER C 77 -14.38 -21.18 -2.62
CA SER C 77 -14.39 -22.30 -1.70
C SER C 77 -15.29 -23.35 -2.26
N PRO C 78 -15.09 -24.62 -1.87
CA PRO C 78 -15.94 -25.67 -2.43
C PRO C 78 -17.36 -25.39 -2.00
N GLY C 79 -18.25 -25.34 -3.00
CA GLY C 79 -19.65 -25.05 -2.77
C GLY C 79 -19.99 -23.57 -2.74
N ARG C 80 -19.03 -22.70 -3.03
CA ARG C 80 -19.24 -21.25 -2.94
C ARG C 80 -18.71 -20.57 -4.18
N PHE C 81 -19.58 -19.94 -4.96
CA PHE C 81 -19.09 -19.18 -6.11
C PHE C 81 -18.03 -18.16 -5.65
N GLU C 82 -17.24 -17.72 -6.61
CA GLU C 82 -16.21 -16.71 -6.36
C GLU C 82 -16.83 -15.40 -5.91
N ARG C 83 -16.04 -14.63 -5.16
CA ARG C 83 -16.47 -13.43 -4.48
C ARG C 83 -15.30 -12.46 -4.45
N ILE C 84 -15.57 -11.18 -4.61
CA ILE C 84 -14.47 -10.23 -4.65
C ILE C 84 -14.06 -9.83 -3.24
N LEU C 85 -12.77 -9.71 -2.99
CA LEU C 85 -12.32 -9.14 -1.71
C LEU C 85 -11.80 -7.73 -1.97
N LEU C 86 -11.00 -7.58 -3.03
CA LEU C 86 -10.36 -6.34 -3.32
C LEU C 86 -10.32 -6.07 -4.80
N ARG C 87 -10.40 -4.79 -5.18
CA ARG C 87 -10.17 -4.39 -6.59
C ARG C 87 -9.49 -3.04 -6.68
N ALA C 88 -8.52 -2.92 -7.57
CA ALA C 88 -7.90 -1.62 -7.87
C ALA C 88 -7.97 -1.33 -9.35
N ALA C 89 -8.27 -0.09 -9.71
CA ALA C 89 -8.34 0.28 -11.12
C ALA C 89 -7.21 1.22 -11.41
N ASN C 90 -6.77 1.23 -12.67
CA ASN C 90 -5.75 2.15 -13.14
C ASN C 90 -6.00 2.67 -14.58
N THR C 91 -5.85 3.99 -14.72
CA THR C 91 -6.03 4.68 -16.01
C THR C 91 -4.91 5.70 -16.21
N PRO C 97 9.72 2.75 -19.24
CA PRO C 97 8.33 2.30 -19.35
C PRO C 97 7.99 1.61 -20.67
N CYS C 98 6.79 1.04 -20.72
CA CYS C 98 6.05 0.75 -21.96
C CYS C 98 4.61 1.10 -21.56
N GLY C 99 4.49 2.28 -20.92
CA GLY C 99 3.34 2.68 -20.11
C GLY C 99 3.32 2.02 -18.72
N GLN C 100 4.43 1.35 -18.35
CA GLN C 100 4.45 0.41 -17.21
C GLN C 100 4.07 0.93 -15.80
N GLN C 101 3.05 0.31 -15.20
CA GLN C 101 2.70 0.63 -13.81
C GLN C 101 2.36 -0.57 -12.92
N SER C 102 2.05 -0.27 -11.66
CA SER C 102 1.79 -1.26 -10.64
C SER C 102 0.48 -1.00 -9.92
N ILE C 103 -0.31 -2.05 -9.76
CA ILE C 103 -1.43 -2.02 -8.85
C ILE C 103 -1.03 -2.80 -7.62
N HIS C 104 -1.30 -2.25 -6.44
CA HIS C 104 -1.09 -3.01 -5.21
C HIS C 104 -2.37 -3.17 -4.48
N LEU C 105 -2.60 -4.42 -4.08
CA LEU C 105 -3.72 -4.80 -3.27
C LEU C 105 -3.16 -5.36 -1.99
N GLY C 106 -3.80 -5.08 -0.86
CA GLY C 106 -3.48 -5.74 0.41
C GLY C 106 -4.54 -5.50 1.46
N GLY C 107 -4.88 -6.50 2.25
CA GLY C 107 -5.86 -6.32 3.34
C GLY C 107 -5.86 -7.48 4.33
N VAL C 108 -6.66 -7.35 5.37
CA VAL C 108 -6.86 -8.43 6.31
C VAL C 108 -8.17 -9.14 6.04
N PHE C 109 -8.13 -10.46 5.96
CA PHE C 109 -9.37 -11.22 5.78
C PHE C 109 -9.30 -12.48 6.59
N GLU C 110 -10.46 -12.88 7.07
CA GLU C 110 -10.58 -14.11 7.79
C GLU C 110 -10.75 -15.26 6.82
N LEU C 111 -9.93 -16.29 6.98
CA LEU C 111 -10.02 -17.43 6.08
C LEU C 111 -10.29 -18.73 6.81
N GLN C 112 -11.09 -19.58 6.17
CA GLN C 112 -11.43 -20.87 6.74
C GLN C 112 -10.59 -21.93 6.06
N PRO C 113 -10.39 -23.10 6.72
CA PRO C 113 -9.68 -24.22 6.09
C PRO C 113 -10.32 -24.57 4.77
N GLY C 114 -9.51 -24.97 3.78
CA GLY C 114 -9.99 -25.19 2.40
C GLY C 114 -10.17 -23.96 1.51
N ALA C 115 -10.12 -22.74 2.06
CA ALA C 115 -10.37 -21.54 1.23
C ALA C 115 -9.22 -21.15 0.31
N SER C 116 -9.57 -20.63 -0.87
CA SER C 116 -8.55 -20.21 -1.80
C SER C 116 -8.73 -18.77 -2.27
N VAL C 117 -7.62 -18.08 -2.45
CA VAL C 117 -7.68 -16.73 -2.95
C VAL C 117 -6.92 -16.73 -4.26
N PHE C 118 -7.38 -15.91 -5.19
CA PHE C 118 -6.75 -15.85 -6.50
C PHE C 118 -6.82 -14.42 -7.09
N VAL C 119 -6.06 -14.17 -8.13
CA VAL C 119 -6.02 -12.85 -8.71
C VAL C 119 -6.44 -12.91 -10.19
N ASN C 120 -7.23 -11.93 -10.60
CA ASN C 120 -7.59 -11.85 -11.96
C ASN C 120 -7.54 -10.44 -12.46
N VAL C 121 -7.38 -10.27 -13.78
CA VAL C 121 -7.11 -8.98 -14.42
C VAL C 121 -7.96 -8.76 -15.68
N THR C 122 -8.06 -7.52 -16.15
CA THR C 122 -8.86 -7.26 -17.35
C THR C 122 -8.10 -7.71 -18.56
N ASP C 123 -6.79 -7.45 -18.60
CA ASP C 123 -5.94 -7.93 -19.71
C ASP C 123 -4.64 -8.66 -19.34
N PRO C 124 -4.65 -10.01 -19.37
CA PRO C 124 -3.50 -10.81 -18.97
C PRO C 124 -2.28 -10.64 -19.86
N SER C 125 -2.49 -10.28 -21.12
CA SER C 125 -1.38 -10.10 -22.05
C SER C 125 -0.57 -8.86 -21.70
N GLN C 126 -1.20 -7.86 -21.09
CA GLN C 126 -0.48 -6.61 -20.74
C GLN C 126 0.48 -6.77 -19.55
N VAL C 127 0.37 -7.87 -18.83
CA VAL C 127 1.07 -7.96 -17.57
C VAL C 127 2.50 -8.48 -17.77
N SER C 128 3.37 -8.13 -16.83
CA SER C 128 4.80 -8.39 -16.90
C SER C 128 5.13 -9.43 -15.87
N HIS C 129 5.70 -10.54 -16.32
CA HIS C 129 5.73 -11.74 -15.51
C HIS C 129 6.93 -12.01 -14.61
N GLY C 130 8.12 -11.56 -15.00
CA GLY C 130 9.29 -11.91 -14.21
C GLY C 130 9.16 -11.79 -12.68
N THR C 131 10.08 -12.43 -11.97
CA THR C 131 10.27 -12.14 -10.58
C THR C 131 10.50 -10.64 -10.43
N GLY C 132 10.15 -10.07 -9.28
CA GLY C 132 10.28 -8.64 -9.08
C GLY C 132 9.16 -7.85 -9.72
N PHE C 133 8.35 -8.51 -10.56
CA PHE C 133 7.30 -7.78 -11.27
C PHE C 133 5.91 -7.96 -10.72
N THR C 134 5.43 -9.19 -10.72
CA THR C 134 4.06 -9.48 -10.32
C THR C 134 4.09 -10.56 -9.26
N SER C 135 3.56 -10.26 -8.09
CA SER C 135 3.58 -11.30 -7.07
C SER C 135 2.26 -11.37 -6.34
N PHE C 136 2.17 -12.32 -5.44
CA PHE C 136 0.94 -12.62 -4.77
C PHE C 136 1.34 -13.50 -3.55
N GLY C 137 0.84 -13.15 -2.38
CA GLY C 137 1.18 -13.94 -1.22
C GLY C 137 0.31 -13.56 -0.06
N LEU C 138 0.51 -14.22 1.07
CA LEU C 138 -0.19 -13.91 2.32
C LEU C 138 0.63 -14.33 3.50
N LEU C 139 0.18 -13.90 4.66
CA LEU C 139 0.77 -14.31 5.89
C LEU C 139 -0.21 -14.22 7.03
N LYS C 140 -0.28 -15.30 7.79
CA LYS C 140 -1.22 -15.42 8.88
C LYS C 140 -0.85 -14.45 9.98
N LEU C 141 -1.85 -13.84 10.60
CA LEU C 141 -1.62 -12.90 11.72
C LEU C 141 -1.62 -13.58 13.08
#